data_6LSH
#
_entry.id   6LSH
#
_cell.length_a   62.878
_cell.length_b   77.380
_cell.length_c   155.770
_cell.angle_alpha   90.000
_cell.angle_beta   90.000
_cell.angle_gamma   90.000
#
_symmetry.space_group_name_H-M   'P 21 21 21'
#
loop_
_entity.id
_entity.type
_entity.pdbx_description
1 polymer 'Genome polyprotein'
2 polymer 'RNA (35-MER)'
3 polymer "RNA (5'-R(*UP*GP*UP*UP*CP*GP*AP*CP*GP*AP*GP*AP*GP*AP*GP*AP*CP*C)-3')"
4 non-polymer 'SULFATE ION'
5 non-polymer 'ZINC ION'
6 water water
#
loop_
_entity_poly.entity_id
_entity_poly.type
_entity_poly.pdbx_seq_one_letter_code
_entity_poly.pdbx_strand_id
1 'polypeptide(L)'
;GEIQWVKPNKETGRLNINGPTRTKLEPSVFHDVFEGNKEPAVLHSKDPRLEVDFEQALFSKYVGNTLYEPDEYIKEAALH
YANQLKQLDIDTSQMSMEEACYGTENLEAIDLHSTAGYPYSALGIKKRDILDSTTRDVSKMKFYMDKYGLDLPYSTYVKD
ELRSIDKIKKGKSRLIEASSLNDSVYLRMTFGHLYETFHANPGTVTGSAVGCNPDTFWSKLPILLPGSLFAFDYSGYDAS
LSPVWFRALELVLREIGYSEEAVSLVEGINHTHHVYRNKTYCVLGGMPSGMSGTSIFNSMINNIIIRALLIKTFKGIDLD
ELNMVAYGDDVLASYPFPIDCLELARTGKEYGLTMTPADKSPCFNEVNWDNATFLKRGFLPDEQFPFLIHPTMPMKEIHE
SIRWTKDARNTQDHVRSLCLLAWHNGKQEYEKFVSAIRSVPVGKALAIPNYENLRRNWLELFHHHHHH
;
A
2 'polyribonucleotide' GGAGAUGAAAGUCUCCAGGUCUCUCUCGUCGAAA B
3 'polyribonucleotide' UGUUCGACGAGAGAGACC C
#
# COMPACT_ATOMS: atom_id res chain seq x y z
N GLY A 1 -6.82 1.62 15.42
CA GLY A 1 -6.12 2.85 15.74
C GLY A 1 -7.00 3.84 16.45
N GLU A 2 -6.40 4.63 17.33
CA GLU A 2 -7.19 5.58 18.10
C GLU A 2 -6.29 6.73 18.51
N ILE A 3 -6.75 7.95 18.28
CA ILE A 3 -6.01 9.14 18.66
C ILE A 3 -6.13 9.30 20.18
N GLN A 4 -4.98 9.42 20.85
CA GLN A 4 -4.97 9.49 22.31
C GLN A 4 -5.03 10.93 22.81
N TRP A 5 -4.36 11.85 22.15
CA TRP A 5 -4.47 13.26 22.52
C TRP A 5 -4.06 14.13 21.34
N VAL A 6 -4.38 15.41 21.47
CA VAL A 6 -4.06 16.44 20.50
C VAL A 6 -3.61 17.66 21.30
N LYS A 7 -2.48 18.24 20.92
CA LYS A 7 -1.91 19.35 21.66
C LYS A 7 -1.39 20.40 20.68
N PRO A 8 -1.43 21.68 21.06
CA PRO A 8 -0.79 22.70 20.23
C PRO A 8 0.72 22.53 20.22
N ASN A 9 1.33 22.89 19.09
CA ASN A 9 2.78 22.68 18.94
C ASN A 9 3.59 23.48 19.95
N LYS A 10 3.04 24.60 20.46
CA LYS A 10 3.70 25.30 21.55
C LYS A 10 3.85 24.41 22.78
N GLU A 11 2.81 23.65 23.13
CA GLU A 11 2.86 22.79 24.31
C GLU A 11 3.82 21.62 24.13
N THR A 12 3.90 21.06 22.92
CA THR A 12 4.81 19.94 22.66
C THR A 12 6.19 20.38 22.23
N GLY A 13 6.34 21.62 21.73
CA GLY A 13 7.63 22.09 21.26
C GLY A 13 8.04 21.65 19.87
N ARG A 14 7.11 21.14 19.05
CA ARG A 14 7.40 20.67 17.70
C ARG A 14 7.28 21.80 16.69
N LEU A 15 8.12 21.73 15.65
CA LEU A 15 8.06 22.69 14.56
C LEU A 15 6.88 22.41 13.65
N ASN A 16 6.31 23.48 13.09
CA ASN A 16 5.09 23.35 12.30
C ASN A 16 5.36 22.66 10.97
N ILE A 17 4.37 21.88 10.53
CA ILE A 17 4.48 21.09 9.30
C ILE A 17 3.32 21.51 8.42
N ASN A 18 3.59 22.42 7.49
CA ASN A 18 2.58 22.95 6.58
C ASN A 18 2.72 22.26 5.22
N GLY A 19 1.59 21.90 4.64
CA GLY A 19 1.56 21.26 3.34
C GLY A 19 0.81 22.07 2.32
N PRO A 20 1.10 21.83 1.03
CA PRO A 20 0.45 22.61 -0.02
C PRO A 20 -1.07 22.57 0.11
N THR A 21 -1.72 23.62 -0.38
CA THR A 21 -3.13 23.83 -0.15
C THR A 21 -4.00 23.68 -1.39
N ARG A 22 -3.41 23.79 -2.59
CA ARG A 22 -4.15 23.71 -3.84
C ARG A 22 -3.64 22.55 -4.69
N THR A 23 -4.56 21.87 -5.37
CA THR A 23 -4.19 20.72 -6.18
C THR A 23 -3.36 21.13 -7.39
N LYS A 24 -2.43 20.24 -7.78
CA LYS A 24 -1.71 20.36 -9.04
C LYS A 24 -2.50 19.79 -10.22
N LEU A 25 -3.65 19.16 -9.96
CA LEU A 25 -4.44 18.51 -10.99
C LEU A 25 -5.40 19.49 -11.64
N GLU A 26 -5.35 19.59 -12.97
CA GLU A 26 -6.26 20.36 -13.79
C GLU A 26 -6.83 19.46 -14.89
N PRO A 27 -7.96 19.84 -15.49
CA PRO A 27 -8.52 19.03 -16.57
C PRO A 27 -7.53 18.96 -17.74
N SER A 28 -7.46 17.79 -18.36
CA SER A 28 -6.55 17.62 -19.48
C SER A 28 -7.30 17.86 -20.79
N VAL A 29 -6.57 17.81 -21.91
CA VAL A 29 -7.22 17.93 -23.21
C VAL A 29 -8.17 16.78 -23.50
N PHE A 30 -8.18 15.74 -22.68
CA PHE A 30 -9.12 14.65 -22.87
C PHE A 30 -10.31 14.73 -21.94
N HIS A 31 -10.41 15.80 -21.15
CA HIS A 31 -11.38 15.84 -20.06
C HIS A 31 -12.80 15.60 -20.56
N ASP A 32 -13.15 16.07 -21.75
CA ASP A 32 -14.50 15.92 -22.27
C ASP A 32 -14.60 14.80 -23.30
N VAL A 33 -13.48 14.16 -23.62
CA VAL A 33 -13.53 13.05 -24.54
C VAL A 33 -14.00 11.78 -23.83
N PHE A 34 -13.69 11.65 -22.53
CA PHE A 34 -14.02 10.45 -21.79
C PHE A 34 -14.92 10.80 -20.60
N GLU A 35 -15.80 9.87 -20.26
CA GLU A 35 -16.64 9.99 -19.08
C GLU A 35 -15.84 9.74 -17.80
N GLY A 36 -16.28 10.39 -16.72
CA GLY A 36 -15.72 10.18 -15.40
C GLY A 36 -16.32 11.08 -14.34
N ASN A 37 -16.26 10.66 -13.06
CA ASN A 37 -16.79 11.46 -11.97
C ASN A 37 -15.76 11.98 -10.99
N LYS A 38 -14.52 11.53 -11.05
CA LYS A 38 -13.58 11.88 -10.00
C LYS A 38 -13.06 13.30 -10.17
N GLU A 39 -12.67 13.89 -9.04
CA GLU A 39 -12.07 15.23 -9.03
C GLU A 39 -10.96 15.25 -7.99
N PRO A 40 -10.13 16.28 -7.97
CA PRO A 40 -9.04 16.32 -6.98
C PRO A 40 -9.60 16.31 -5.56
N ALA A 41 -8.87 15.63 -4.67
CA ALA A 41 -9.30 15.48 -3.30
C ALA A 41 -9.34 16.84 -2.60
N VAL A 42 -10.33 17.02 -1.72
CA VAL A 42 -10.31 18.20 -0.87
C VAL A 42 -8.97 18.29 -0.17
N LEU A 43 -8.33 19.45 -0.25
CA LEU A 43 -7.05 19.68 0.38
C LEU A 43 -7.06 20.77 1.45
N HIS A 44 -8.18 21.49 1.64
CA HIS A 44 -8.23 22.66 2.50
C HIS A 44 -9.60 22.75 3.16
N SER A 45 -9.60 23.09 4.47
CA SER A 45 -10.84 23.15 5.24
C SER A 45 -11.88 24.07 4.62
N LYS A 46 -11.46 25.00 3.76
CA LYS A 46 -12.35 25.96 3.12
C LYS A 46 -12.72 25.56 1.70
N ASP A 47 -12.57 24.30 1.34
CA ASP A 47 -13.01 23.87 0.01
C ASP A 47 -14.52 23.99 -0.09
N PRO A 48 -15.04 24.67 -1.11
CA PRO A 48 -16.51 24.86 -1.20
C PRO A 48 -17.28 23.56 -1.30
N ARG A 49 -16.71 22.53 -1.92
CA ARG A 49 -17.42 21.28 -2.13
C ARG A 49 -17.61 20.46 -0.85
N LEU A 50 -16.92 20.80 0.23
CA LEU A 50 -17.13 20.10 1.49
C LEU A 50 -18.60 20.18 1.91
N GLU A 51 -19.07 19.13 2.54
CA GLU A 51 -20.36 19.15 3.23
C GLU A 51 -20.23 18.68 4.68
N VAL A 52 -19.00 18.55 5.17
CA VAL A 52 -18.70 18.17 6.54
C VAL A 52 -17.52 19.02 6.98
N ASP A 53 -17.23 18.95 8.27
CA ASP A 53 -16.00 19.56 8.75
C ASP A 53 -14.81 18.73 8.27
N PHE A 54 -13.81 19.40 7.71
CA PHE A 54 -12.74 18.71 7.02
C PHE A 54 -11.89 17.87 7.97
N GLU A 55 -11.41 18.49 9.05
CA GLU A 55 -10.47 17.78 9.90
C GLU A 55 -11.12 16.62 10.63
N GLN A 56 -12.39 16.77 11.00
CA GLN A 56 -13.15 15.62 11.52
C GLN A 56 -13.12 14.47 10.54
N ALA A 57 -13.50 14.72 9.29
CA ALA A 57 -13.44 13.68 8.27
C ALA A 57 -12.03 13.11 8.13
N LEU A 58 -11.01 13.98 8.15
CA LEU A 58 -9.64 13.50 7.98
C LEU A 58 -9.30 12.42 9.00
N PHE A 59 -9.70 12.61 10.26
CA PHE A 59 -9.25 11.69 11.29
C PHE A 59 -10.32 10.71 11.74
N SER A 60 -11.45 10.62 11.03
CA SER A 60 -12.44 9.61 11.37
C SER A 60 -11.94 8.20 11.11
N LYS A 61 -10.91 8.06 10.26
CA LYS A 61 -10.40 6.72 9.97
C LYS A 61 -9.99 5.99 11.24
N TYR A 62 -9.57 6.73 12.27
CA TYR A 62 -9.20 6.14 13.56
C TYR A 62 -10.48 5.75 14.30
N VAL A 63 -10.94 4.53 14.02
CA VAL A 63 -12.22 4.04 14.54
C VAL A 63 -12.18 3.58 15.98
N GLY A 64 -11.00 3.51 16.59
CA GLY A 64 -10.83 2.93 17.91
C GLY A 64 -9.97 1.67 17.88
N ASN A 65 -9.80 1.09 19.08
CA ASN A 65 -9.07 -0.16 19.26
C ASN A 65 -9.92 -1.13 20.06
N THR A 66 -9.84 -2.42 19.74
CA THR A 66 -10.46 -3.43 20.57
C THR A 66 -9.36 -4.20 21.27
N LEU A 67 -8.88 -5.30 20.73
CA LEU A 67 -7.97 -6.15 21.47
C LEU A 67 -6.58 -5.52 21.55
N TYR A 68 -5.94 -5.65 22.71
CA TYR A 68 -4.58 -5.19 22.88
C TYR A 68 -3.54 -6.31 22.98
N GLU A 69 -3.94 -7.52 23.37
CA GLU A 69 -2.98 -8.59 23.50
C GLU A 69 -3.49 -9.83 22.80
N PRO A 70 -2.60 -10.67 22.26
CA PRO A 70 -3.05 -11.78 21.42
C PRO A 70 -3.83 -12.82 22.24
N ASP A 71 -4.85 -13.38 21.62
CA ASP A 71 -5.53 -14.55 22.14
C ASP A 71 -4.93 -15.81 21.53
N GLU A 72 -5.54 -16.97 21.79
CA GLU A 72 -4.99 -18.24 21.33
C GLU A 72 -4.95 -18.30 19.81
N TYR A 73 -6.04 -17.88 19.16
CA TYR A 73 -6.11 -17.97 17.70
C TYR A 73 -5.04 -17.11 17.03
N ILE A 74 -4.85 -15.89 17.52
CA ILE A 74 -3.85 -14.99 16.94
C ILE A 74 -2.45 -15.50 17.21
N LYS A 75 -2.25 -16.11 18.38
CA LYS A 75 -0.96 -16.74 18.69
C LYS A 75 -0.67 -17.87 17.72
N GLU A 76 -1.64 -18.77 17.53
CA GLU A 76 -1.39 -19.87 16.62
C GLU A 76 -1.21 -19.38 15.18
N ALA A 77 -2.01 -18.38 14.78
CA ALA A 77 -1.85 -17.78 13.45
C ALA A 77 -0.45 -17.22 13.27
N ALA A 78 0.00 -16.39 14.21
CA ALA A 78 1.33 -15.81 14.11
C ALA A 78 2.42 -16.87 14.00
N LEU A 79 2.32 -17.92 14.82
CA LEU A 79 3.36 -18.94 14.82
C LEU A 79 3.35 -19.73 13.51
N HIS A 80 2.15 -20.02 12.99
CA HIS A 80 2.06 -20.72 11.72
C HIS A 80 2.68 -19.93 10.57
N TYR A 81 2.46 -18.62 10.54
CA TYR A 81 3.04 -17.80 9.47
C TYR A 81 4.55 -17.71 9.61
N ALA A 82 5.03 -17.50 10.84
CA ALA A 82 6.47 -17.39 11.07
C ALA A 82 7.17 -18.69 10.68
N ASN A 83 6.58 -19.83 11.02
CA ASN A 83 7.13 -21.12 10.63
C ASN A 83 7.28 -21.19 9.12
N GLN A 84 6.24 -20.78 8.40
CA GLN A 84 6.27 -20.71 6.94
C GLN A 84 7.43 -19.84 6.47
N LEU A 85 7.66 -18.71 7.14
CA LEU A 85 8.72 -17.80 6.71
C LEU A 85 10.11 -18.39 6.93
N LYS A 86 10.25 -19.45 7.73
CA LYS A 86 11.57 -19.96 8.04
C LYS A 86 12.30 -20.47 6.80
N GLN A 87 11.57 -21.14 5.90
CA GLN A 87 12.16 -21.69 4.68
C GLN A 87 12.79 -20.63 3.78
N LEU A 88 12.58 -19.35 4.06
CA LEU A 88 13.22 -18.27 3.30
C LEU A 88 14.59 -17.90 3.85
N ASP A 89 14.90 -18.29 5.08
CA ASP A 89 16.23 -18.04 5.66
C ASP A 89 16.57 -16.55 5.66
N ILE A 90 15.68 -15.74 6.24
CA ILE A 90 15.87 -14.30 6.23
C ILE A 90 17.07 -13.94 7.10
N ASP A 91 17.91 -13.05 6.59
CA ASP A 91 19.09 -12.59 7.32
C ASP A 91 18.62 -11.64 8.41
N THR A 92 18.47 -12.13 9.63
CA THR A 92 18.01 -11.31 10.75
C THR A 92 19.11 -10.45 11.32
N SER A 93 20.28 -10.41 10.69
CA SER A 93 21.33 -9.52 11.11
C SER A 93 21.11 -8.12 10.56
N GLN A 94 21.66 -7.14 11.26
CA GLN A 94 21.49 -5.75 10.89
C GLN A 94 22.18 -5.46 9.57
N MET A 95 21.43 -4.88 8.65
CA MET A 95 22.01 -4.40 7.40
C MET A 95 22.85 -3.16 7.67
N SER A 96 23.92 -3.00 6.87
CA SER A 96 24.81 -1.84 6.99
C SER A 96 24.09 -0.54 6.63
N MET A 97 24.50 0.54 7.31
CA MET A 97 23.96 1.87 7.00
C MET A 97 24.21 2.26 5.55
N GLU A 98 25.34 1.85 4.98
CA GLU A 98 25.61 2.18 3.57
C GLU A 98 24.66 1.44 2.64
N GLU A 99 24.47 0.14 2.89
CA GLU A 99 23.46 -0.61 2.14
C GLU A 99 22.08 -0.01 2.36
N ALA A 100 21.75 0.32 3.61
CA ALA A 100 20.42 0.85 3.93
C ALA A 100 20.16 2.20 3.30
N CYS A 101 21.20 3.02 3.13
CA CYS A 101 21.01 4.34 2.54
C CYS A 101 21.02 4.30 1.01
N TYR A 102 21.93 3.52 0.44
CA TYR A 102 22.26 3.61 -0.98
C TYR A 102 21.83 2.39 -1.78
N GLY A 103 21.34 1.35 -1.13
CA GLY A 103 20.59 0.33 -1.82
C GLY A 103 21.40 -0.90 -2.20
N THR A 104 20.65 -1.95 -2.51
CA THR A 104 21.20 -3.24 -2.93
C THR A 104 20.40 -3.69 -4.14
N GLU A 105 20.64 -4.93 -4.56
CA GLU A 105 19.93 -5.50 -5.70
C GLU A 105 18.42 -5.48 -5.46
N ASN A 106 17.98 -5.95 -4.29
CA ASN A 106 16.57 -6.11 -4.01
C ASN A 106 16.00 -5.07 -3.06
N LEU A 107 16.73 -3.98 -2.81
CA LEU A 107 16.20 -2.88 -2.02
C LEU A 107 16.60 -1.57 -2.67
N GLU A 108 15.60 -0.80 -3.10
CA GLU A 108 15.87 0.50 -3.71
C GLU A 108 16.58 1.44 -2.74
N ALA A 109 17.60 2.14 -3.25
CA ALA A 109 18.22 3.24 -2.50
C ALA A 109 17.16 4.25 -2.07
N ILE A 110 17.43 4.91 -0.94
CA ILE A 110 16.49 5.92 -0.43
C ILE A 110 16.28 7.00 -1.48
N ASP A 111 15.03 7.15 -1.92
CA ASP A 111 14.64 8.19 -2.86
C ASP A 111 15.08 9.55 -2.36
N LEU A 112 15.89 10.24 -3.18
CA LEU A 112 16.43 11.55 -2.81
C LEU A 112 15.46 12.69 -3.10
N HIS A 113 14.35 12.44 -3.79
CA HIS A 113 13.32 13.46 -4.00
C HIS A 113 12.09 13.25 -3.11
N SER A 114 12.03 12.17 -2.35
CA SER A 114 11.06 12.03 -1.27
C SER A 114 11.57 12.76 -0.03
N THR A 115 10.63 13.28 0.76
CA THR A 115 10.96 14.21 1.84
C THR A 115 11.88 13.58 2.87
N ALA A 116 12.61 14.42 3.60
CA ALA A 116 13.45 13.94 4.69
C ALA A 116 12.67 13.79 5.99
N GLY A 117 11.48 14.37 6.08
CA GLY A 117 10.70 14.29 7.30
C GLY A 117 11.13 15.29 8.36
N TYR A 118 10.44 15.21 9.49
CA TYR A 118 10.79 16.02 10.65
C TYR A 118 12.21 15.69 11.10
N PRO A 119 13.01 16.69 11.49
CA PRO A 119 12.69 18.12 11.45
C PRO A 119 13.28 18.75 10.21
N TYR A 120 13.97 17.92 9.42
CA TYR A 120 14.73 18.39 8.26
C TYR A 120 13.88 19.25 7.33
N SER A 121 12.64 18.82 7.07
CA SER A 121 11.75 19.62 6.21
C SER A 121 11.52 21.01 6.78
N ALA A 122 11.36 21.11 8.09
CA ALA A 122 11.09 22.42 8.70
C ALA A 122 12.31 23.34 8.61
N LEU A 123 13.48 22.83 9.00
CA LEU A 123 14.73 23.60 8.99
C LEU A 123 15.47 23.51 7.67
N GLY A 124 14.79 23.31 6.54
CA GLY A 124 15.44 23.41 5.24
C GLY A 124 16.57 22.46 4.88
N ILE A 125 17.00 21.57 5.79
CA ILE A 125 18.02 20.62 5.40
C ILE A 125 17.44 19.66 4.37
N LYS A 126 18.14 19.51 3.25
CA LYS A 126 17.69 18.71 2.13
C LYS A 126 18.40 17.37 2.13
N LYS A 127 17.70 16.34 1.64
CA LYS A 127 18.29 15.00 1.57
C LYS A 127 19.55 14.98 0.71
N ARG A 128 19.66 15.91 -0.24
CA ARG A 128 20.83 15.98 -1.10
C ARG A 128 22.08 16.42 -0.34
N ASP A 129 21.92 17.13 0.78
CA ASP A 129 23.05 17.65 1.55
C ASP A 129 23.56 16.65 2.59
N ILE A 130 23.09 15.41 2.56
CA ILE A 130 23.40 14.46 3.63
C ILE A 130 23.77 13.10 3.04
N LEU A 131 23.22 12.79 1.87
CA LEU A 131 23.51 11.53 1.19
C LEU A 131 23.95 11.83 -0.24
N ASP A 132 25.02 11.14 -0.66
CA ASP A 132 25.60 11.31 -1.99
C ASP A 132 25.74 9.93 -2.63
N SER A 133 25.11 9.76 -3.79
CA SER A 133 25.10 8.46 -4.45
C SER A 133 26.50 8.04 -4.87
N THR A 134 27.27 8.95 -5.48
CA THR A 134 28.62 8.63 -5.96
C THR A 134 29.56 8.26 -4.82
N THR A 135 29.40 8.91 -3.66
CA THR A 135 30.29 8.70 -2.52
C THR A 135 29.92 7.52 -1.65
N ARG A 136 28.66 7.09 -1.66
CA ARG A 136 28.11 6.20 -0.62
C ARG A 136 28.56 6.66 0.77
N ASP A 137 28.21 7.90 1.08
CA ASP A 137 28.68 8.58 2.28
C ASP A 137 27.68 8.44 3.41
N VAL A 138 28.10 7.78 4.49
CA VAL A 138 27.31 7.68 5.72
C VAL A 138 27.87 8.58 6.80
N SER A 139 28.85 9.42 6.48
CA SER A 139 29.48 10.28 7.48
C SER A 139 28.47 11.23 8.07
N LYS A 140 27.94 12.14 7.26
CA LYS A 140 26.98 13.11 7.76
C LYS A 140 25.74 12.41 8.32
N MET A 141 25.34 11.29 7.71
CA MET A 141 24.17 10.55 8.21
C MET A 141 24.36 10.17 9.67
N LYS A 142 25.47 9.47 9.97
CA LYS A 142 25.76 9.08 11.36
C LYS A 142 25.69 10.27 12.30
N PHE A 143 26.18 11.43 11.85
CA PHE A 143 26.09 12.64 12.65
C PHE A 143 24.64 12.98 12.95
N TYR A 144 23.85 13.26 11.90
CA TYR A 144 22.47 13.67 12.10
C TYR A 144 21.66 12.59 12.82
N MET A 145 22.06 11.33 12.72
CA MET A 145 21.50 10.29 13.58
C MET A 145 21.78 10.61 15.04
N ASP A 146 23.04 10.91 15.36
CA ASP A 146 23.39 11.31 16.72
C ASP A 146 22.76 12.65 17.08
N LYS A 147 22.67 13.57 16.12
CA LYS A 147 22.15 14.90 16.41
C LYS A 147 20.68 14.86 16.83
N TYR A 148 19.82 14.26 15.98
CA TYR A 148 18.38 14.32 16.20
C TYR A 148 17.76 13.04 16.75
N GLY A 149 18.46 11.91 16.67
CA GLY A 149 17.98 10.69 17.29
C GLY A 149 16.90 9.99 16.49
N LEU A 150 16.16 9.12 17.18
CA LEU A 150 15.16 8.26 16.59
C LEU A 150 13.80 8.51 17.23
N ASP A 151 12.78 7.78 16.76
CA ASP A 151 11.41 7.93 17.25
C ASP A 151 10.92 9.36 17.09
N LEU A 152 11.32 10.00 15.99
CA LEU A 152 10.88 11.35 15.68
C LEU A 152 9.44 11.32 15.19
N PRO A 153 8.73 12.45 15.28
CA PRO A 153 7.33 12.46 14.83
C PRO A 153 7.20 12.19 13.34
N TYR A 154 6.06 11.64 12.96
CA TYR A 154 5.69 11.53 11.56
C TYR A 154 4.99 12.81 11.12
N SER A 155 5.34 13.29 9.94
CA SER A 155 4.75 14.51 9.40
C SER A 155 3.55 14.17 8.54
N THR A 156 2.41 14.79 8.82
CA THR A 156 1.14 14.47 8.18
C THR A 156 0.87 15.48 7.06
N TYR A 157 0.68 14.97 5.83
CA TYR A 157 0.27 15.76 4.66
C TYR A 157 -0.93 15.11 3.98
N VAL A 158 -1.88 15.92 3.53
CA VAL A 158 -2.98 15.40 2.72
C VAL A 158 -2.47 15.03 1.33
N LYS A 159 -3.00 13.94 0.76
CA LYS A 159 -2.59 13.44 -0.55
C LYS A 159 -3.37 14.10 -1.68
N ASP A 160 -2.63 14.68 -2.62
CA ASP A 160 -3.22 15.30 -3.81
C ASP A 160 -3.47 14.22 -4.87
N GLU A 161 -4.74 13.88 -5.09
CA GLU A 161 -5.07 12.76 -5.98
C GLU A 161 -6.54 12.86 -6.34
N LEU A 162 -6.93 12.13 -7.38
CA LEU A 162 -8.34 12.06 -7.73
C LEU A 162 -9.09 11.24 -6.69
N ARG A 163 -10.35 11.60 -6.44
CA ARG A 163 -11.22 10.82 -5.57
C ARG A 163 -12.63 10.84 -6.11
N SER A 164 -13.45 9.90 -5.66
CA SER A 164 -14.81 9.85 -6.11
C SER A 164 -15.60 11.00 -5.49
N ILE A 165 -16.79 11.25 -6.05
CA ILE A 165 -17.56 12.43 -5.64
C ILE A 165 -17.97 12.31 -4.18
N ASP A 166 -18.43 11.14 -3.76
CA ASP A 166 -18.90 10.99 -2.38
C ASP A 166 -17.77 11.25 -1.41
N LYS A 167 -16.54 10.95 -1.79
CA LYS A 167 -15.41 11.15 -0.89
C LYS A 167 -14.98 12.61 -0.81
N ILE A 168 -15.37 13.44 -1.79
CA ILE A 168 -15.08 14.86 -1.72
C ILE A 168 -16.09 15.57 -0.84
N LYS A 169 -17.38 15.30 -1.07
CA LYS A 169 -18.45 15.78 -0.19
C LYS A 169 -18.14 15.45 1.27
N LYS A 170 -17.82 14.18 1.54
CA LYS A 170 -17.61 13.66 2.90
C LYS A 170 -16.20 13.96 3.45
N GLY A 171 -15.38 14.74 2.75
CA GLY A 171 -14.09 15.12 3.30
C GLY A 171 -13.04 14.01 3.37
N LYS A 172 -13.30 12.85 2.78
CA LYS A 172 -12.48 11.67 3.03
C LYS A 172 -11.21 11.65 2.17
N SER A 173 -10.36 12.66 2.39
CA SER A 173 -9.05 12.64 1.76
C SER A 173 -8.11 11.73 2.53
N ARG A 174 -7.05 11.29 1.87
CA ARG A 174 -6.12 10.36 2.47
C ARG A 174 -4.87 11.10 2.93
N LEU A 175 -4.15 10.51 3.88
CA LEU A 175 -3.01 11.18 4.50
C LEU A 175 -1.73 10.41 4.26
N ILE A 176 -0.64 11.15 4.17
CA ILE A 176 0.70 10.59 4.09
C ILE A 176 1.37 10.89 5.41
N GLU A 177 1.77 9.85 6.13
CA GLU A 177 2.35 10.03 7.44
C GLU A 177 3.84 9.71 7.29
N ALA A 178 4.59 10.72 6.84
CA ALA A 178 5.97 10.51 6.39
C ALA A 178 6.90 10.34 7.57
N SER A 179 7.58 9.21 7.61
CA SER A 179 8.61 8.98 8.59
C SER A 179 9.72 10.04 8.46
N SER A 180 10.55 10.13 9.49
CA SER A 180 11.73 10.96 9.45
C SER A 180 12.88 10.14 8.90
N LEU A 181 13.80 10.82 8.21
CA LEU A 181 14.93 10.14 7.59
C LEU A 181 15.64 9.24 8.57
N ASN A 182 15.80 9.69 9.82
CA ASN A 182 16.54 8.90 10.80
C ASN A 182 15.84 7.59 11.10
N ASP A 183 14.50 7.61 11.16
CA ASP A 183 13.77 6.37 11.41
C ASP A 183 13.72 5.49 10.16
N SER A 184 13.65 6.09 8.97
CA SER A 184 13.81 5.30 7.74
C SER A 184 15.12 4.52 7.80
N VAL A 185 16.22 5.22 8.06
CA VAL A 185 17.53 4.58 8.09
C VAL A 185 17.57 3.47 9.12
N TYR A 186 17.09 3.75 10.34
CA TYR A 186 17.13 2.73 11.39
C TYR A 186 16.24 1.54 11.05
N LEU A 187 15.10 1.78 10.43
CA LEU A 187 14.22 0.68 10.03
C LEU A 187 14.83 -0.09 8.87
N ARG A 188 15.42 0.63 7.91
CA ARG A 188 16.07 -0.06 6.79
C ARG A 188 17.32 -0.80 7.25
N MET A 189 17.99 -0.33 8.28
CA MET A 189 19.10 -1.11 8.83
C MET A 189 18.58 -2.35 9.56
N THR A 190 17.50 -2.20 10.33
CA THR A 190 17.05 -3.31 11.17
C THR A 190 16.40 -4.41 10.32
N PHE A 191 15.65 -4.03 9.30
CA PHE A 191 14.86 -5.02 8.55
C PHE A 191 15.17 -5.05 7.07
N GLY A 192 16.24 -4.40 6.61
CA GLY A 192 16.49 -4.29 5.18
C GLY A 192 16.64 -5.63 4.49
N HIS A 193 17.24 -6.59 5.19
CA HIS A 193 17.41 -7.92 4.60
C HIS A 193 16.05 -8.59 4.43
N LEU A 194 15.15 -8.42 5.39
CA LEU A 194 13.80 -8.93 5.23
C LEU A 194 13.10 -8.25 4.04
N TYR A 195 13.28 -6.94 3.89
CA TYR A 195 12.73 -6.25 2.73
C TYR A 195 13.28 -6.83 1.44
N GLU A 196 14.59 -7.11 1.41
CA GLU A 196 15.18 -7.76 0.24
C GLU A 196 14.47 -9.07 -0.06
N THR A 197 14.31 -9.92 0.96
CA THR A 197 13.74 -11.23 0.72
C THR A 197 12.32 -11.11 0.16
N PHE A 198 11.50 -10.27 0.77
CA PHE A 198 10.12 -10.10 0.31
C PHE A 198 10.10 -9.58 -1.12
N HIS A 199 10.86 -8.52 -1.39
CA HIS A 199 10.86 -7.92 -2.72
C HIS A 199 11.23 -8.94 -3.79
N ALA A 200 12.15 -9.86 -3.49
CA ALA A 200 12.55 -10.85 -4.49
C ALA A 200 11.60 -12.03 -4.56
N ASN A 201 10.75 -12.22 -3.55
CA ASN A 201 9.91 -13.43 -3.47
C ASN A 201 8.43 -13.12 -3.28
N PRO A 202 7.84 -12.31 -4.16
CA PRO A 202 6.38 -12.18 -4.14
C PRO A 202 5.75 -13.53 -4.44
N GLY A 203 4.79 -13.91 -3.60
CA GLY A 203 4.10 -15.17 -3.78
C GLY A 203 3.55 -15.65 -2.45
N THR A 204 3.35 -16.96 -2.37
CA THR A 204 2.62 -17.61 -1.28
C THR A 204 3.52 -18.12 -0.16
N VAL A 205 4.83 -17.95 -0.25
CA VAL A 205 5.72 -18.22 0.88
C VAL A 205 5.82 -17.01 1.78
N THR A 206 6.16 -15.87 1.20
CA THR A 206 6.03 -14.59 1.89
C THR A 206 4.58 -14.25 2.20
N GLY A 207 3.64 -14.76 1.40
CA GLY A 207 2.29 -14.25 1.48
C GLY A 207 2.15 -12.81 1.06
N SER A 208 3.08 -12.30 0.26
CA SER A 208 3.15 -10.88 -0.07
C SER A 208 3.34 -10.71 -1.57
N ALA A 209 2.71 -9.68 -2.13
CA ALA A 209 2.88 -9.37 -3.54
C ALA A 209 3.66 -8.08 -3.73
N VAL A 210 4.19 -7.51 -2.65
CA VAL A 210 5.07 -6.35 -2.77
C VAL A 210 6.27 -6.75 -3.62
N GLY A 211 6.57 -5.94 -4.62
CA GLY A 211 7.62 -6.28 -5.55
C GLY A 211 7.18 -7.08 -6.77
N CYS A 212 5.90 -7.41 -6.89
CA CYS A 212 5.43 -8.17 -8.04
C CYS A 212 5.27 -7.28 -9.26
N ASN A 213 5.39 -7.88 -10.42
CA ASN A 213 5.04 -7.20 -11.66
C ASN A 213 3.82 -7.90 -12.24
N PRO A 214 2.66 -7.24 -12.24
CA PRO A 214 1.42 -7.92 -12.63
C PRO A 214 1.44 -8.52 -14.03
N ASP A 215 2.14 -7.88 -14.98
CA ASP A 215 2.26 -8.41 -16.34
C ASP A 215 2.67 -9.88 -16.33
N THR A 216 3.57 -10.26 -15.41
CA THR A 216 4.07 -11.63 -15.29
C THR A 216 3.52 -12.38 -14.08
N PHE A 217 3.22 -11.67 -12.98
CA PHE A 217 2.77 -12.33 -11.76
C PHE A 217 1.39 -12.94 -11.93
N TRP A 218 0.55 -12.33 -12.77
CA TRP A 218 -0.81 -12.84 -12.95
C TRP A 218 -0.82 -14.29 -13.44
N SER A 219 0.12 -14.67 -14.32
CA SER A 219 0.11 -16.03 -14.84
C SER A 219 0.42 -17.06 -13.76
N LYS A 220 1.14 -16.65 -12.71
CA LYS A 220 1.47 -17.56 -11.60
C LYS A 220 0.33 -17.73 -10.62
N LEU A 221 -0.54 -16.73 -10.48
CA LEU A 221 -1.47 -16.73 -9.36
C LEU A 221 -2.48 -17.88 -9.38
N PRO A 222 -3.06 -18.30 -10.51
CA PRO A 222 -3.96 -19.47 -10.48
C PRO A 222 -3.25 -20.75 -10.08
N ILE A 223 -1.93 -20.84 -10.27
CA ILE A 223 -1.16 -22.00 -9.83
C ILE A 223 -0.79 -21.87 -8.36
N LEU A 224 -0.46 -20.66 -7.91
CA LEU A 224 -0.16 -20.44 -6.50
C LEU A 224 -1.40 -20.54 -5.62
N LEU A 225 -2.58 -20.30 -6.18
CA LEU A 225 -3.81 -20.20 -5.39
C LEU A 225 -4.83 -21.25 -5.85
N PRO A 226 -4.50 -22.55 -5.76
CA PRO A 226 -5.41 -23.57 -6.26
C PRO A 226 -6.62 -23.73 -5.36
N GLY A 227 -7.64 -24.39 -5.88
CA GLY A 227 -8.85 -24.61 -5.10
C GLY A 227 -9.84 -23.47 -5.23
N SER A 228 -10.66 -23.26 -4.20
CA SER A 228 -11.67 -22.23 -4.23
C SER A 228 -11.12 -20.92 -3.68
N LEU A 229 -11.40 -19.82 -4.37
CA LEU A 229 -10.91 -18.52 -3.96
C LEU A 229 -11.81 -17.90 -2.90
N PHE A 230 -11.21 -17.09 -2.03
CA PHE A 230 -11.99 -16.13 -1.27
C PHE A 230 -11.21 -14.82 -1.20
N ALA A 231 -11.95 -13.72 -1.04
CA ALA A 231 -11.41 -12.38 -0.89
C ALA A 231 -12.53 -11.50 -0.39
N PHE A 232 -12.15 -10.31 0.07
CA PHE A 232 -13.06 -9.33 0.63
C PHE A 232 -12.27 -8.05 0.72
N ASP A 233 -12.97 -6.94 1.01
CA ASP A 233 -12.34 -5.65 1.20
C ASP A 233 -12.37 -5.24 2.66
N TYR A 234 -11.36 -4.46 3.06
CA TYR A 234 -11.37 -3.75 4.33
C TYR A 234 -11.78 -2.31 4.11
N SER A 235 -12.48 -1.75 5.09
CA SER A 235 -12.61 -0.29 5.20
C SER A 235 -11.55 0.20 6.15
N GLY A 236 -10.73 1.14 5.69
CA GLY A 236 -9.75 1.77 6.55
C GLY A 236 -8.88 0.75 7.28
N TYR A 237 -8.23 -0.13 6.52
CA TYR A 237 -7.47 -1.22 7.13
C TYR A 237 -6.36 -0.71 8.04
N ASP A 238 -5.49 0.17 7.50
CA ASP A 238 -4.35 0.67 8.26
C ASP A 238 -4.81 1.29 9.58
N ALA A 239 -5.82 2.15 9.52
CA ALA A 239 -6.23 2.91 10.68
C ALA A 239 -6.99 2.08 11.70
N SER A 240 -7.57 0.95 11.28
CA SER A 240 -8.38 0.10 12.13
C SER A 240 -7.58 -0.97 12.87
N LEU A 241 -6.28 -1.10 12.60
CA LEU A 241 -5.46 -2.08 13.29
C LEU A 241 -5.37 -1.76 14.77
N SER A 242 -5.85 -2.68 15.61
CA SER A 242 -5.68 -2.60 17.05
C SER A 242 -4.27 -3.00 17.43
N PRO A 243 -3.80 -2.61 18.62
CA PRO A 243 -2.43 -2.97 19.00
C PRO A 243 -2.17 -4.46 19.03
N VAL A 244 -3.21 -5.29 19.08
CA VAL A 244 -2.97 -6.73 19.14
C VAL A 244 -2.21 -7.20 17.91
N TRP A 245 -2.39 -6.53 16.78
CA TRP A 245 -1.74 -7.01 15.57
C TRP A 245 -0.26 -6.63 15.54
N PHE A 246 0.13 -5.56 16.22
CA PHE A 246 1.55 -5.28 16.37
C PHE A 246 2.20 -6.19 17.39
N ARG A 247 1.48 -6.58 18.44
CA ARG A 247 1.95 -7.67 19.29
C ARG A 247 2.13 -8.95 18.48
N ALA A 248 1.16 -9.26 17.62
CA ALA A 248 1.27 -10.45 16.80
C ALA A 248 2.45 -10.34 15.83
N LEU A 249 2.73 -9.15 15.31
CA LEU A 249 3.89 -8.99 14.44
C LEU A 249 5.19 -9.28 15.20
N GLU A 250 5.23 -8.89 16.47
CA GLU A 250 6.39 -9.14 17.32
C GLU A 250 6.60 -10.65 17.51
N LEU A 251 5.52 -11.38 17.77
CA LEU A 251 5.60 -12.84 17.85
C LEU A 251 6.27 -13.41 16.61
N VAL A 252 5.85 -12.96 15.43
CA VAL A 252 6.39 -13.49 14.17
C VAL A 252 7.87 -13.20 14.06
N LEU A 253 8.26 -11.93 14.26
CA LEU A 253 9.66 -11.53 14.07
C LEU A 253 10.57 -12.28 15.02
N ARG A 254 10.18 -12.44 16.28
CA ARG A 254 11.02 -13.12 17.25
C ARG A 254 11.21 -14.58 16.85
N GLU A 255 10.11 -15.26 16.48
CA GLU A 255 10.18 -16.67 16.14
C GLU A 255 11.06 -16.95 14.92
N ILE A 256 11.23 -15.97 14.03
CA ILE A 256 12.13 -16.17 12.89
C ILE A 256 13.49 -15.59 13.26
N GLY A 257 13.72 -15.34 14.55
CA GLY A 257 15.05 -15.14 15.06
C GLY A 257 15.54 -13.70 15.14
N TYR A 258 14.65 -12.72 15.10
CA TYR A 258 15.14 -11.36 15.27
C TYR A 258 15.54 -11.12 16.73
N SER A 259 16.50 -10.24 16.92
CA SER A 259 16.93 -9.89 18.26
C SER A 259 15.84 -9.10 18.98
N GLU A 260 15.84 -9.18 20.31
CA GLU A 260 14.89 -8.37 21.08
C GLU A 260 15.11 -6.88 20.83
N GLU A 261 16.34 -6.47 20.49
CA GLU A 261 16.57 -5.08 20.11
C GLU A 261 15.87 -4.73 18.80
N ALA A 262 15.75 -5.68 17.89
CA ALA A 262 15.01 -5.44 16.66
C ALA A 262 13.51 -5.54 16.88
N VAL A 263 13.07 -6.53 17.66
CA VAL A 263 11.65 -6.71 17.92
C VAL A 263 11.08 -5.48 18.62
N SER A 264 11.90 -4.76 19.39
CA SER A 264 11.42 -3.63 20.16
C SER A 264 11.07 -2.43 19.30
N LEU A 265 11.42 -2.45 18.01
CA LEU A 265 11.03 -1.33 17.16
C LEU A 265 9.55 -1.31 16.86
N VAL A 266 8.85 -2.43 17.08
CA VAL A 266 7.45 -2.50 16.69
C VAL A 266 6.59 -1.58 17.56
N GLU A 267 6.91 -1.49 18.86
CA GLU A 267 6.12 -0.60 19.71
C GLU A 267 6.21 0.84 19.21
N GLY A 268 7.34 1.22 18.62
CA GLY A 268 7.46 2.54 18.03
C GLY A 268 6.59 2.73 16.80
N ILE A 269 6.10 1.65 16.22
CA ILE A 269 5.12 1.71 15.13
C ILE A 269 3.70 1.73 15.68
N ASN A 270 3.46 0.91 16.69
CA ASN A 270 2.15 0.84 17.32
C ASN A 270 1.79 2.18 17.97
N HIS A 271 2.77 2.84 18.59
CA HIS A 271 2.53 4.07 19.33
C HIS A 271 3.35 5.19 18.70
N THR A 272 2.68 6.10 17.98
CA THR A 272 3.36 7.09 17.15
C THR A 272 2.80 8.47 17.39
N HIS A 273 3.65 9.48 17.25
CA HIS A 273 3.26 10.88 17.34
C HIS A 273 3.40 11.57 15.98
N HIS A 274 2.43 12.40 15.66
CA HIS A 274 2.36 13.05 14.37
C HIS A 274 2.15 14.55 14.56
N VAL A 275 2.78 15.33 13.68
CA VAL A 275 2.54 16.77 13.56
C VAL A 275 1.77 17.00 12.27
N TYR A 276 0.62 17.64 12.38
CA TYR A 276 -0.14 18.10 11.22
C TYR A 276 -0.44 19.58 11.43
N ARG A 277 0.10 20.41 10.53
CA ARG A 277 0.00 21.87 10.65
C ARG A 277 0.69 22.36 11.92
N ASN A 278 -0.09 22.88 12.87
CA ASN A 278 0.45 23.47 14.10
C ASN A 278 0.09 22.65 15.35
N LYS A 279 -0.27 21.38 15.19
CA LYS A 279 -0.70 20.56 16.31
C LYS A 279 0.08 19.24 16.31
N THR A 280 0.31 18.71 17.51
CA THR A 280 0.83 17.36 17.68
C THR A 280 -0.28 16.46 18.17
N TYR A 281 -0.25 15.19 17.75
CA TYR A 281 -1.24 14.23 18.20
C TYR A 281 -0.61 12.84 18.32
N CYS A 282 -1.16 12.06 19.25
CA CYS A 282 -0.68 10.72 19.57
C CYS A 282 -1.65 9.69 18.99
N VAL A 283 -1.11 8.61 18.44
CA VAL A 283 -1.92 7.59 17.77
C VAL A 283 -1.49 6.24 18.30
N LEU A 284 -2.44 5.51 18.91
CA LEU A 284 -2.19 4.20 19.49
C LEU A 284 -2.87 3.13 18.65
N GLY A 285 -2.10 2.13 18.21
CA GLY A 285 -2.61 1.24 17.19
C GLY A 285 -2.58 1.96 15.85
N GLY A 286 -2.88 1.25 14.76
CA GLY A 286 -2.87 1.86 13.45
C GLY A 286 -1.51 1.95 12.80
N MET A 287 -1.39 1.51 11.55
CA MET A 287 -0.12 1.59 10.84
C MET A 287 0.08 2.98 10.24
N PRO A 288 1.23 3.63 10.48
CA PRO A 288 1.54 4.89 9.78
C PRO A 288 1.74 4.67 8.27
N SER A 289 1.13 5.54 7.47
CA SER A 289 1.10 5.33 6.01
C SER A 289 2.47 5.46 5.34
N GLY A 290 3.31 6.37 5.79
CA GLY A 290 4.54 6.64 5.07
C GLY A 290 5.76 6.18 5.81
N MET A 291 5.62 5.06 6.49
CA MET A 291 6.73 4.46 7.20
C MET A 291 7.55 3.61 6.25
N SER A 292 8.86 3.58 6.49
CA SER A 292 9.74 2.66 5.80
C SER A 292 9.31 1.22 6.07
N GLY A 293 8.68 0.60 5.08
CA GLY A 293 8.20 -0.75 5.24
C GLY A 293 6.71 -0.88 5.47
N THR A 294 5.94 0.18 5.22
CA THR A 294 4.51 0.14 5.52
C THR A 294 3.82 -1.03 4.81
N SER A 295 4.02 -1.13 3.48
CA SER A 295 3.35 -2.19 2.73
C SER A 295 3.77 -3.57 3.20
N ILE A 296 5.04 -3.75 3.54
CA ILE A 296 5.48 -5.09 3.91
C ILE A 296 4.91 -5.48 5.28
N PHE A 297 4.94 -4.58 6.25
CA PHE A 297 4.37 -4.93 7.54
C PHE A 297 2.84 -5.07 7.48
N ASN A 298 2.17 -4.19 6.74
CA ASN A 298 0.74 -4.41 6.51
C ASN A 298 0.49 -5.80 5.93
N SER A 299 1.31 -6.21 4.95
CA SER A 299 1.08 -7.50 4.29
C SER A 299 1.34 -8.67 5.24
N MET A 300 2.40 -8.60 6.04
CA MET A 300 2.66 -9.64 7.05
C MET A 300 1.51 -9.70 8.05
N ILE A 301 1.08 -8.55 8.57
CA ILE A 301 -0.04 -8.51 9.51
C ILE A 301 -1.27 -9.15 8.91
N ASN A 302 -1.53 -8.86 7.63
CA ASN A 302 -2.67 -9.49 6.97
C ASN A 302 -2.54 -11.00 6.94
N ASN A 303 -1.32 -11.53 6.80
CA ASN A 303 -1.15 -12.98 6.86
C ASN A 303 -1.53 -13.51 8.23
N ILE A 304 -1.18 -12.77 9.29
CA ILE A 304 -1.60 -13.19 10.62
C ILE A 304 -3.12 -13.14 10.72
N ILE A 305 -3.72 -12.10 10.15
CA ILE A 305 -5.15 -11.86 10.32
C ILE A 305 -5.96 -12.98 9.69
N ILE A 306 -5.66 -13.30 8.43
CA ILE A 306 -6.47 -14.29 7.70
C ILE A 306 -6.39 -15.64 8.39
N ARG A 307 -5.20 -16.00 8.88
CA ARG A 307 -5.06 -17.29 9.57
C ARG A 307 -5.91 -17.31 10.83
N ALA A 308 -5.80 -16.26 11.65
CA ALA A 308 -6.58 -16.18 12.87
C ALA A 308 -8.07 -16.24 12.57
N LEU A 309 -8.53 -15.41 11.62
CA LEU A 309 -9.94 -15.40 11.28
C LEU A 309 -10.42 -16.80 10.89
N LEU A 310 -9.63 -17.52 10.09
CA LEU A 310 -10.00 -18.87 9.70
C LEU A 310 -10.19 -19.77 10.92
N ILE A 311 -9.18 -19.84 11.80
CA ILE A 311 -9.24 -20.86 12.84
C ILE A 311 -10.16 -20.45 14.00
N LYS A 312 -10.52 -19.19 14.11
CA LYS A 312 -11.53 -18.81 15.09
C LYS A 312 -12.94 -18.96 14.56
N THR A 313 -13.14 -18.77 13.26
CA THR A 313 -14.47 -18.80 12.65
C THR A 313 -14.96 -20.23 12.44
N PHE A 314 -14.08 -21.13 12.03
CA PHE A 314 -14.48 -22.45 11.55
C PHE A 314 -13.73 -23.54 12.31
N LYS A 315 -14.38 -24.69 12.46
CA LYS A 315 -13.74 -25.86 13.04
C LYS A 315 -13.14 -26.69 11.93
N GLY A 316 -11.99 -27.30 12.22
CA GLY A 316 -11.36 -28.20 11.26
C GLY A 316 -10.56 -27.55 10.16
N ILE A 317 -10.11 -26.30 10.34
CA ILE A 317 -9.29 -25.63 9.32
C ILE A 317 -7.86 -26.14 9.41
N ASP A 318 -7.32 -26.60 8.30
CA ASP A 318 -5.89 -26.92 8.22
C ASP A 318 -5.16 -25.76 7.55
N LEU A 319 -4.51 -24.92 8.36
CA LEU A 319 -3.84 -23.72 7.86
C LEU A 319 -2.80 -24.00 6.79
N ASP A 320 -2.25 -25.22 6.76
CA ASP A 320 -1.32 -25.59 5.71
C ASP A 320 -1.99 -25.69 4.35
N GLU A 321 -3.31 -25.77 4.30
CA GLU A 321 -4.00 -25.74 3.02
C GLU A 321 -4.37 -24.33 2.57
N LEU A 322 -4.12 -23.32 3.41
CA LEU A 322 -4.37 -21.94 2.98
C LEU A 322 -3.28 -21.48 2.05
N ASN A 323 -3.67 -20.89 0.93
CA ASN A 323 -2.74 -20.13 0.10
C ASN A 323 -3.23 -18.68 0.04
N MET A 324 -2.30 -17.73 0.19
CA MET A 324 -2.71 -16.33 0.08
C MET A 324 -1.53 -15.46 -0.34
N VAL A 325 -1.86 -14.34 -0.99
CA VAL A 325 -0.94 -13.22 -1.17
C VAL A 325 -1.66 -11.94 -0.76
N ALA A 326 -0.93 -11.06 -0.06
CA ALA A 326 -1.41 -9.75 0.36
C ALA A 326 -0.49 -8.66 -0.18
N TYR A 327 -1.08 -7.54 -0.62
CA TYR A 327 -0.34 -6.31 -0.83
C TYR A 327 -0.97 -5.31 0.14
N GLY A 328 -0.36 -5.12 1.29
CA GLY A 328 -1.02 -4.30 2.30
C GLY A 328 -2.35 -4.94 2.63
N ASP A 329 -3.43 -4.17 2.53
CA ASP A 329 -4.75 -4.68 2.89
C ASP A 329 -5.40 -5.53 1.79
N ASP A 330 -4.94 -5.43 0.55
CA ASP A 330 -5.50 -6.17 -0.58
C ASP A 330 -5.06 -7.63 -0.49
N VAL A 331 -5.99 -8.57 -0.66
CA VAL A 331 -5.74 -9.98 -0.39
C VAL A 331 -6.44 -10.83 -1.42
N LEU A 332 -5.73 -11.85 -1.92
CA LEU A 332 -6.37 -12.92 -2.65
C LEU A 332 -5.89 -14.23 -2.05
N ALA A 333 -6.82 -15.15 -1.78
CA ALA A 333 -6.51 -16.34 -1.02
C ALA A 333 -7.27 -17.53 -1.58
N SER A 334 -6.80 -18.74 -1.29
CA SER A 334 -7.57 -19.93 -1.65
C SER A 334 -7.45 -21.01 -0.58
N TYR A 335 -8.35 -21.98 -0.68
CA TYR A 335 -8.52 -23.08 0.26
C TYR A 335 -9.19 -24.24 -0.48
N PRO A 336 -8.91 -25.49 -0.10
CA PRO A 336 -9.52 -26.62 -0.83
C PRO A 336 -11.03 -26.66 -0.80
N PHE A 337 -11.67 -25.97 0.14
CA PHE A 337 -13.11 -25.95 0.27
C PHE A 337 -13.58 -24.51 0.39
N PRO A 338 -14.79 -24.19 -0.05
CA PRO A 338 -15.25 -22.81 -0.01
C PRO A 338 -15.20 -22.22 1.39
N ILE A 339 -14.85 -20.94 1.47
CA ILE A 339 -14.76 -20.21 2.72
C ILE A 339 -15.84 -19.14 2.72
N ASP A 340 -16.67 -19.16 3.76
CA ASP A 340 -17.74 -18.18 3.92
C ASP A 340 -17.16 -16.91 4.52
N CYS A 341 -17.12 -15.84 3.73
CA CYS A 341 -16.58 -14.57 4.20
C CYS A 341 -17.59 -13.78 5.00
N LEU A 342 -18.87 -14.06 4.83
CA LEU A 342 -19.85 -13.48 5.74
C LEU A 342 -19.49 -13.82 7.19
N GLU A 343 -19.05 -15.05 7.45
CA GLU A 343 -18.68 -15.45 8.82
C GLU A 343 -17.29 -14.90 9.17
N LEU A 344 -16.38 -14.89 8.19
CA LEU A 344 -15.10 -14.25 8.43
C LEU A 344 -15.27 -12.80 8.82
N ALA A 345 -16.18 -12.10 8.15
CA ALA A 345 -16.37 -10.69 8.45
C ALA A 345 -16.96 -10.50 9.84
N ARG A 346 -17.89 -11.38 10.23
CA ARG A 346 -18.41 -11.36 11.60
C ARG A 346 -17.30 -11.51 12.62
N THR A 347 -16.44 -12.52 12.46
CA THR A 347 -15.30 -12.65 13.35
C THR A 347 -14.37 -11.44 13.26
N GLY A 348 -14.23 -10.87 12.07
CA GLY A 348 -13.37 -9.71 11.91
C GLY A 348 -13.81 -8.53 12.77
N LYS A 349 -15.12 -8.28 12.82
CA LYS A 349 -15.65 -7.19 13.64
C LYS A 349 -15.19 -7.28 15.09
N GLU A 350 -15.13 -8.49 15.66
CA GLU A 350 -14.67 -8.64 17.04
C GLU A 350 -13.24 -8.15 17.21
N TYR A 351 -12.41 -8.32 16.18
CA TYR A 351 -11.03 -7.85 16.16
C TYR A 351 -10.91 -6.37 15.77
N GLY A 352 -12.02 -5.68 15.51
CA GLY A 352 -11.93 -4.30 15.11
C GLY A 352 -11.66 -4.10 13.63
N LEU A 353 -12.01 -5.07 12.81
CA LEU A 353 -11.78 -5.03 11.37
C LEU A 353 -13.12 -4.99 10.64
N THR A 354 -13.25 -4.08 9.70
CA THR A 354 -14.49 -3.92 8.96
C THR A 354 -14.31 -4.49 7.56
N MET A 355 -14.94 -5.63 7.28
CA MET A 355 -14.74 -6.40 6.05
C MET A 355 -16.03 -6.43 5.25
N THR A 356 -15.95 -6.15 3.94
CA THR A 356 -17.09 -6.00 3.06
C THR A 356 -16.89 -6.81 1.79
N PRO A 357 -17.97 -7.16 1.09
CA PRO A 357 -17.84 -8.08 -0.06
C PRO A 357 -16.92 -7.52 -1.15
N ALA A 358 -16.20 -8.43 -1.80
CA ALA A 358 -15.23 -8.03 -2.81
C ALA A 358 -15.89 -7.44 -4.05
N ASP A 359 -17.10 -7.89 -4.38
CA ASP A 359 -17.81 -7.37 -5.54
C ASP A 359 -18.49 -6.02 -5.28
N LYS A 360 -18.25 -5.39 -4.13
CA LYS A 360 -18.79 -4.08 -3.75
C LYS A 360 -20.30 -4.09 -3.55
N SER A 361 -20.97 -5.23 -3.72
CA SER A 361 -22.40 -5.36 -3.43
C SER A 361 -22.60 -5.40 -1.92
N PRO A 362 -23.83 -5.58 -1.42
CA PRO A 362 -24.00 -5.90 0.01
C PRO A 362 -23.91 -7.39 0.36
N CYS A 363 -23.83 -8.30 -0.61
CA CYS A 363 -23.74 -9.72 -0.28
C CYS A 363 -22.34 -10.24 -0.60
N PHE A 364 -21.87 -11.14 0.26
CA PHE A 364 -20.60 -11.84 0.05
C PHE A 364 -20.85 -12.93 -0.97
N ASN A 365 -20.70 -12.61 -2.24
CA ASN A 365 -20.95 -13.61 -3.28
C ASN A 365 -19.67 -14.37 -3.58
N GLU A 366 -19.84 -15.44 -4.36
CA GLU A 366 -18.71 -16.28 -4.72
C GLU A 366 -17.65 -15.47 -5.44
N VAL A 367 -16.39 -15.78 -5.13
CA VAL A 367 -15.23 -15.24 -5.85
C VAL A 367 -14.64 -16.38 -6.65
N ASN A 368 -14.52 -16.16 -7.95
CA ASN A 368 -13.91 -17.09 -8.88
C ASN A 368 -12.95 -16.30 -9.79
N TRP A 369 -12.25 -17.01 -10.67
CA TRP A 369 -11.27 -16.34 -11.52
C TRP A 369 -11.91 -15.33 -12.46
N ASP A 370 -13.16 -15.53 -12.83
CA ASP A 370 -13.79 -14.59 -13.75
C ASP A 370 -14.22 -13.28 -13.11
N ASN A 371 -14.33 -13.19 -11.76
CA ASN A 371 -14.65 -11.91 -11.15
C ASN A 371 -13.67 -11.45 -10.09
N ALA A 372 -12.62 -12.23 -9.80
CA ALA A 372 -11.67 -11.81 -8.80
C ALA A 372 -10.87 -10.61 -9.30
N THR A 373 -10.43 -9.79 -8.35
CA THR A 373 -9.61 -8.64 -8.67
C THR A 373 -8.53 -8.54 -7.61
N PHE A 374 -7.37 -8.07 -8.03
CA PHE A 374 -6.23 -7.89 -7.13
C PHE A 374 -5.44 -6.74 -7.72
N LEU A 375 -4.98 -5.83 -6.86
CA LEU A 375 -4.37 -4.59 -7.32
C LEU A 375 -5.24 -3.95 -8.40
N LYS A 376 -6.56 -4.03 -8.18
CA LYS A 376 -7.62 -3.49 -9.03
C LYS A 376 -7.70 -4.13 -10.41
N ARG A 377 -6.99 -5.21 -10.65
CA ARG A 377 -7.01 -5.83 -11.98
C ARG A 377 -7.79 -7.13 -11.92
N GLY A 378 -8.51 -7.43 -13.00
CA GLY A 378 -9.13 -8.72 -13.16
C GLY A 378 -8.14 -9.72 -13.75
N PHE A 379 -8.65 -10.94 -14.01
CA PHE A 379 -7.85 -12.03 -14.54
C PHE A 379 -8.51 -12.54 -15.81
N LEU A 380 -7.81 -12.41 -16.93
CA LEU A 380 -8.34 -12.78 -18.25
C LEU A 380 -7.36 -13.71 -18.93
N PRO A 381 -7.72 -14.97 -19.16
CA PRO A 381 -6.84 -15.86 -19.93
C PRO A 381 -6.66 -15.39 -21.37
N ASP A 382 -5.43 -15.51 -21.85
CA ASP A 382 -5.16 -15.19 -23.24
C ASP A 382 -5.96 -16.13 -24.15
N GLU A 383 -6.46 -15.60 -25.26
CA GLU A 383 -7.23 -16.41 -26.18
C GLU A 383 -6.35 -17.43 -26.91
N GLN A 384 -5.09 -17.08 -27.17
CA GLN A 384 -4.19 -18.01 -27.85
C GLN A 384 -3.54 -19.00 -26.89
N PHE A 385 -3.08 -18.52 -25.73
CA PHE A 385 -2.29 -19.30 -24.79
C PHE A 385 -2.95 -19.21 -23.42
N PRO A 386 -3.92 -20.06 -23.14
CA PRO A 386 -4.78 -19.85 -21.97
C PRO A 386 -4.06 -19.98 -20.63
N PHE A 387 -2.87 -20.60 -20.58
CA PHE A 387 -2.06 -20.57 -19.35
C PHE A 387 -1.49 -19.17 -19.04
N LEU A 388 -1.41 -18.27 -20.03
CA LEU A 388 -0.93 -16.91 -19.81
C LEU A 388 -2.13 -16.03 -19.49
N ILE A 389 -2.05 -15.28 -18.38
CA ILE A 389 -3.20 -14.58 -17.81
C ILE A 389 -2.99 -13.07 -17.89
N HIS A 390 -3.94 -12.38 -18.52
CA HIS A 390 -3.86 -10.91 -18.64
C HIS A 390 -4.35 -10.26 -17.34
N PRO A 391 -3.59 -9.35 -16.74
CA PRO A 391 -4.17 -8.47 -15.70
C PRO A 391 -4.99 -7.39 -16.38
N THR A 392 -6.25 -7.26 -16.01
CA THR A 392 -7.17 -6.40 -16.74
C THR A 392 -7.61 -5.22 -15.87
N MET A 393 -7.18 -4.08 -16.20
CA MET A 393 -7.63 -2.91 -15.50
C MET A 393 -8.89 -2.35 -16.16
N PRO A 394 -9.97 -2.10 -15.41
CA PRO A 394 -11.20 -1.60 -16.02
C PRO A 394 -10.94 -0.32 -16.81
N MET A 395 -11.54 -0.23 -17.99
CA MET A 395 -11.38 0.99 -18.77
C MET A 395 -11.93 2.19 -18.01
N LYS A 396 -12.93 1.97 -17.15
CA LYS A 396 -13.47 3.07 -16.35
C LYS A 396 -12.37 3.77 -15.56
N GLU A 397 -11.45 3.01 -14.98
CA GLU A 397 -10.40 3.64 -14.17
C GLU A 397 -9.37 4.33 -15.04
N ILE A 398 -9.10 3.79 -16.22
CA ILE A 398 -8.20 4.47 -17.15
C ILE A 398 -8.86 5.72 -17.69
N HIS A 399 -10.18 5.67 -17.91
CA HIS A 399 -10.90 6.85 -18.34
C HIS A 399 -10.78 7.97 -17.32
N GLU A 400 -10.88 7.62 -16.03
CA GLU A 400 -10.79 8.66 -15.00
C GLU A 400 -9.42 9.29 -14.98
N SER A 401 -8.37 8.47 -15.13
CA SER A 401 -7.02 9.00 -15.07
C SER A 401 -6.74 9.98 -16.20
N ILE A 402 -7.14 9.63 -17.44
CA ILE A 402 -6.67 10.39 -18.60
C ILE A 402 -7.30 11.78 -18.69
N ARG A 403 -8.42 12.01 -17.98
CA ARG A 403 -9.13 13.29 -17.96
C ARG A 403 -8.43 14.36 -17.14
N TRP A 404 -7.32 14.04 -16.49
CA TRP A 404 -6.64 15.01 -15.65
C TRP A 404 -5.15 14.89 -15.89
N THR A 405 -4.43 15.96 -15.55
CA THR A 405 -2.99 15.95 -15.62
C THR A 405 -2.44 16.83 -14.54
N LYS A 406 -1.22 16.52 -14.09
CA LYS A 406 -0.52 17.38 -13.17
C LYS A 406 0.50 18.29 -13.85
N ASP A 407 1.01 17.87 -14.99
CA ASP A 407 1.78 18.75 -15.86
C ASP A 407 1.50 18.32 -17.30
N ALA A 408 0.86 19.19 -18.07
CA ALA A 408 0.51 18.83 -19.45
C ALA A 408 1.74 18.58 -20.32
N ARG A 409 2.94 18.96 -19.86
CA ARG A 409 4.16 18.68 -20.62
C ARG A 409 4.38 17.19 -20.84
N ASN A 410 3.94 16.33 -19.92
CA ASN A 410 4.20 14.90 -20.02
C ASN A 410 2.96 14.12 -20.48
N THR A 411 2.07 14.77 -21.21
CA THR A 411 0.89 14.11 -21.76
C THR A 411 1.28 12.82 -22.49
N GLN A 412 2.40 12.84 -23.20
CA GLN A 412 2.87 11.66 -23.93
C GLN A 412 3.12 10.49 -22.99
N ASP A 413 3.91 10.71 -21.93
CA ASP A 413 4.20 9.62 -21.01
C ASP A 413 2.92 9.11 -20.37
N HIS A 414 2.04 10.02 -19.97
CA HIS A 414 0.80 9.65 -19.30
C HIS A 414 -0.02 8.73 -20.18
N VAL A 415 -0.26 9.12 -21.43
CA VAL A 415 -1.09 8.32 -22.32
C VAL A 415 -0.43 6.97 -22.59
N ARG A 416 0.88 6.96 -22.81
CA ARG A 416 1.56 5.69 -23.03
C ARG A 416 1.40 4.74 -21.83
N SER A 417 1.53 5.26 -20.59
CA SER A 417 1.36 4.41 -19.43
C SER A 417 -0.03 3.80 -19.38
N LEU A 418 -1.05 4.60 -19.63
CA LEU A 418 -2.41 4.07 -19.65
C LEU A 418 -2.56 3.02 -20.74
N CYS A 419 -1.93 3.22 -21.91
CA CYS A 419 -1.99 2.24 -23.00
C CYS A 419 -1.38 0.91 -22.59
N LEU A 420 -0.28 0.94 -21.83
CA LEU A 420 0.34 -0.30 -21.35
C LEU A 420 -0.57 -1.07 -20.40
N LEU A 421 -1.50 -0.38 -19.74
CA LEU A 421 -2.52 -1.00 -18.91
C LEU A 421 -3.74 -1.43 -19.73
N ALA A 422 -4.09 -0.64 -20.74
CA ALA A 422 -5.40 -0.83 -21.38
C ALA A 422 -5.42 -2.00 -22.36
N TRP A 423 -4.30 -2.28 -23.02
CA TRP A 423 -4.36 -3.26 -24.11
C TRP A 423 -4.73 -4.66 -23.60
N HIS A 424 -4.47 -4.95 -22.32
CA HIS A 424 -4.85 -6.25 -21.76
C HIS A 424 -6.35 -6.52 -21.87
N ASN A 425 -7.16 -5.49 -22.05
CA ASN A 425 -8.60 -5.70 -22.19
C ASN A 425 -8.99 -6.14 -23.59
N GLY A 426 -8.05 -6.27 -24.52
CA GLY A 426 -8.36 -6.86 -25.82
C GLY A 426 -8.25 -5.83 -26.95
N LYS A 427 -8.20 -6.36 -28.17
CA LYS A 427 -7.95 -5.54 -29.35
C LYS A 427 -9.03 -4.48 -29.55
N GLN A 428 -10.30 -4.89 -29.50
CA GLN A 428 -11.38 -3.97 -29.82
C GLN A 428 -11.45 -2.84 -28.79
N GLU A 429 -11.38 -3.16 -27.50
CA GLU A 429 -11.43 -2.10 -26.50
C GLU A 429 -10.23 -1.17 -26.62
N TYR A 430 -9.05 -1.72 -26.92
CA TYR A 430 -7.87 -0.88 -27.03
C TYR A 430 -8.01 0.09 -28.20
N GLU A 431 -8.40 -0.41 -29.38
CA GLU A 431 -8.54 0.49 -30.53
C GLU A 431 -9.67 1.51 -30.34
N LYS A 432 -10.72 1.14 -29.59
CA LYS A 432 -11.71 2.14 -29.24
C LYS A 432 -11.08 3.23 -28.38
N PHE A 433 -10.15 2.85 -27.51
CA PHE A 433 -9.45 3.79 -26.65
C PHE A 433 -8.57 4.72 -27.47
N VAL A 434 -7.75 4.15 -28.34
CA VAL A 434 -6.85 4.94 -29.18
C VAL A 434 -7.65 5.87 -30.09
N SER A 435 -8.74 5.36 -30.69
CA SER A 435 -9.56 6.21 -31.56
C SER A 435 -10.05 7.43 -30.82
N ALA A 436 -10.56 7.23 -29.60
CA ALA A 436 -11.06 8.35 -28.81
C ALA A 436 -9.95 9.35 -28.48
N ILE A 437 -8.79 8.84 -28.07
CA ILE A 437 -7.62 9.70 -27.87
C ILE A 437 -7.38 10.56 -29.10
N ARG A 438 -7.36 9.92 -30.28
CA ARG A 438 -6.99 10.59 -31.53
C ARG A 438 -8.10 11.48 -32.09
N SER A 439 -9.27 11.55 -31.46
CA SER A 439 -10.36 12.39 -31.92
C SER A 439 -10.15 13.87 -31.59
N VAL A 440 -8.96 14.22 -31.11
CA VAL A 440 -8.68 15.50 -30.48
C VAL A 440 -7.28 15.90 -30.93
N PRO A 441 -7.03 17.17 -31.28
CA PRO A 441 -5.78 17.49 -31.99
C PRO A 441 -4.51 17.08 -31.25
N VAL A 442 -4.43 17.32 -29.94
CA VAL A 442 -3.27 16.82 -29.20
C VAL A 442 -3.17 15.30 -29.33
N GLY A 443 -4.30 14.60 -29.44
CA GLY A 443 -4.25 13.16 -29.59
C GLY A 443 -3.58 12.70 -30.88
N LYS A 444 -3.79 13.43 -31.98
CA LYS A 444 -3.12 13.07 -33.23
C LYS A 444 -1.65 13.42 -33.20
N ALA A 445 -1.18 14.06 -32.13
CA ALA A 445 0.22 14.40 -32.04
C ALA A 445 1.03 13.42 -31.19
N LEU A 446 0.40 12.37 -30.66
CA LEU A 446 1.06 11.47 -29.72
C LEU A 446 1.54 10.21 -30.41
N ALA A 447 2.71 9.74 -30.00
CA ALA A 447 3.18 8.40 -30.33
C ALA A 447 2.46 7.40 -29.41
N ILE A 448 1.67 6.54 -30.01
CA ILE A 448 0.77 5.63 -29.27
C ILE A 448 1.19 4.20 -29.62
N PRO A 449 1.44 3.35 -28.60
CA PRO A 449 1.85 1.97 -28.89
C PRO A 449 0.82 1.24 -29.72
N ASN A 450 1.29 0.51 -30.71
CA ASN A 450 0.43 -0.34 -31.52
C ASN A 450 0.13 -1.65 -30.79
N TYR A 451 -1.12 -2.12 -30.91
CA TYR A 451 -1.59 -3.25 -30.12
C TYR A 451 -0.75 -4.50 -30.34
N GLU A 452 -0.37 -4.78 -31.59
CA GLU A 452 0.36 -6.02 -31.88
C GLU A 452 1.75 -5.99 -31.29
N ASN A 453 2.36 -4.81 -31.22
CA ASN A 453 3.67 -4.71 -30.59
C ASN A 453 3.57 -4.93 -29.10
N LEU A 454 2.52 -4.38 -28.48
CA LEU A 454 2.30 -4.62 -27.05
C LEU A 454 2.18 -6.11 -26.77
N ARG A 455 1.25 -6.78 -27.46
CA ARG A 455 1.03 -8.19 -27.27
C ARG A 455 2.31 -8.99 -27.45
N ARG A 456 3.09 -8.65 -28.47
CA ARG A 456 4.31 -9.41 -28.73
C ARG A 456 5.36 -9.14 -27.67
N ASN A 457 5.44 -7.91 -27.19
CA ASN A 457 6.36 -7.60 -26.10
C ASN A 457 6.00 -8.37 -24.84
N TRP A 458 4.70 -8.55 -24.59
CA TRP A 458 4.26 -9.29 -23.41
C TRP A 458 4.53 -10.79 -23.56
N LEU A 459 4.17 -11.36 -24.71
CA LEU A 459 4.49 -12.76 -24.98
C LEU A 459 5.97 -13.06 -24.76
N GLU A 460 6.85 -12.14 -25.18
CA GLU A 460 8.29 -12.36 -25.08
C GLU A 460 8.77 -12.44 -23.64
N LEU A 461 8.03 -11.82 -22.70
CA LEU A 461 8.35 -11.91 -21.28
C LEU A 461 8.33 -13.34 -20.80
N PHE A 462 7.58 -14.21 -21.47
CA PHE A 462 7.56 -15.62 -21.13
C PHE A 462 8.39 -16.44 -22.11
N HIS A 463 8.79 -15.83 -23.23
CA HIS A 463 9.47 -16.46 -24.37
C HIS A 463 8.44 -17.30 -25.12
#